data_1WDR
#
_entry.id   1WDR
#
_cell.length_a   85.128
_cell.length_b   85.128
_cell.length_c   143.598
_cell.angle_alpha   90.00
_cell.angle_beta   90.00
_cell.angle_gamma   120.00
#
_symmetry.space_group_name_H-M   'P 31 2 1'
#
loop_
_entity.id
_entity.type
_entity.pdbx_description
1 polymer Beta-amylase
2 branched alpha-D-glucopyranose-(1-4)-alpha-D-glucopyranose-(1-4)-alpha-D-glucopyranose-(1-4)-alpha-D-glucopyranose
3 non-polymer alpha-D-glucopyranose
4 non-polymer 'SULFATE ION'
5 water water
#
_entity_poly.entity_id   1
_entity_poly.type   'polypeptide(L)'
_entity_poly.pdbx_seq_one_letter_code
;ATSDSNMLLNYVPVYVMLPLGVVNVDNVFEDPDGLKEQLLQLRAAGVDGVMVDVWWGIIELKGPKQYDWRAYRSLLQLVQ
ECGLTLQAIMSFHQCGGNVGDIVNIPIPQWVLDIGESNHDIFYTNRSGTRNKEYLTVGVDNEPIFHGRTAIEIYSDYMKS
FRENMSDFLESGLIIDIEVGLGPAGELRYPSYPQSQGWEFPGIGEFQCYDKYLKADFKAAVARAGHPEWELPDDAGKYND
VPESTGFFKSNGTYVTEKGKFFLTWYSNKLLNHGDQILDEANKAFLG(CME)KVKLAIKVSGIHWWYKVENHAAELTAGY
YNLNDRDGYRPIARMLSRHHAILNFSCLEMRDSEQPSDAKSGPQELVQQVLSGGWREDIRVAGENALPRYDATAYNQIIL
NARPQGVNNNGPPKLSMFGVTYLRLSDDLLQKSNFNIFKKFVLKMHADQDYCANPQKYNHAITPLKPSAPKIPIEVLLEA
TKPTLPFPWLPETDMKVDG
;
_entity_poly.pdbx_strand_id   A
#
loop_
_chem_comp.id
_chem_comp.type
_chem_comp.name
_chem_comp.formula
GLC D-saccharide, alpha linking alpha-D-glucopyranose 'C6 H12 O6'
SO4 non-polymer 'SULFATE ION' 'O4 S -2'
#
# COMPACT_ATOMS: atom_id res chain seq x y z
N SER A 3 -32.65 7.66 -6.39
CA SER A 3 -33.21 7.33 -5.09
C SER A 3 -32.30 7.76 -3.94
N ASP A 4 -32.39 9.02 -3.58
CA ASP A 4 -31.52 9.89 -2.80
C ASP A 4 -30.87 9.25 -1.58
N SER A 5 -31.52 9.00 -0.46
CA SER A 5 -30.82 8.38 0.68
C SER A 5 -30.37 6.94 0.44
N ASN A 6 -31.10 6.11 -0.32
CA ASN A 6 -30.54 4.77 -0.54
C ASN A 6 -29.32 4.94 -1.44
N MET A 7 -29.44 5.92 -2.35
CA MET A 7 -28.25 6.22 -3.13
C MET A 7 -27.17 6.70 -2.15
N LEU A 8 -27.42 7.49 -1.12
CA LEU A 8 -26.32 7.95 -0.28
C LEU A 8 -25.62 6.78 0.43
N LEU A 9 -26.37 5.74 0.76
CA LEU A 9 -25.75 4.56 1.36
C LEU A 9 -24.83 3.84 0.39
N ASN A 10 -24.86 4.16 -0.89
CA ASN A 10 -23.95 3.64 -1.89
C ASN A 10 -22.72 4.50 -2.13
N TYR A 11 -22.60 5.65 -1.45
CA TYR A 11 -21.47 6.53 -1.66
C TYR A 11 -20.13 5.91 -1.29
N VAL A 12 -19.14 6.07 -2.16
CA VAL A 12 -17.74 5.68 -1.93
C VAL A 12 -16.93 6.96 -1.98
N PRO A 13 -16.28 7.26 -0.87
CA PRO A 13 -15.49 8.49 -0.89
C PRO A 13 -14.25 8.41 -1.77
N VAL A 14 -13.88 9.59 -2.26
CA VAL A 14 -12.79 9.79 -3.18
C VAL A 14 -11.78 10.75 -2.58
N TYR A 15 -10.53 10.33 -2.58
CA TYR A 15 -9.40 11.10 -2.07
C TYR A 15 -8.44 11.36 -3.21
N VAL A 16 -7.61 12.41 -3.09
CA VAL A 16 -6.64 12.69 -4.12
C VAL A 16 -5.28 12.82 -3.47
N MET A 17 -4.28 12.11 -4.00
CA MET A 17 -2.92 12.26 -3.54
C MET A 17 -2.35 13.64 -3.85
N LEU A 18 -1.65 14.23 -2.85
CA LEU A 18 -0.97 15.50 -3.14
C LEU A 18 0.30 15.28 -3.96
N PRO A 19 0.82 16.33 -4.52
CA PRO A 19 2.08 16.21 -5.24
C PRO A 19 3.20 15.78 -4.31
N LEU A 20 4.10 14.94 -4.81
CA LEU A 20 5.28 14.56 -4.10
C LEU A 20 6.08 15.87 -3.90
N GLY A 21 6.60 15.96 -2.74
CA GLY A 21 7.44 17.10 -2.43
C GLY A 21 6.73 18.35 -1.99
N VAL A 22 5.44 18.28 -1.71
CA VAL A 22 4.70 19.45 -1.19
C VAL A 22 5.42 20.09 -0.01
N VAL A 23 5.96 19.27 0.86
CA VAL A 23 6.98 19.65 1.83
C VAL A 23 8.32 19.15 1.30
N ASN A 24 9.27 20.04 1.12
CA ASN A 24 10.51 19.64 0.46
C ASN A 24 11.52 18.97 1.41
N VAL A 25 12.64 18.56 0.89
CA VAL A 25 13.60 17.77 1.70
C VAL A 25 14.21 18.54 2.86
N ASP A 26 14.14 19.87 2.76
CA ASP A 26 14.59 20.74 3.82
C ASP A 26 13.48 21.06 4.81
N ASN A 27 12.34 20.38 4.70
CA ASN A 27 11.26 20.54 5.65
C ASN A 27 10.69 21.95 5.60
N VAL A 28 10.50 22.38 4.35
CA VAL A 28 9.82 23.64 4.03
C VAL A 28 8.59 23.35 3.18
N PHE A 29 7.47 23.94 3.57
CA PHE A 29 6.23 23.89 2.77
C PHE A 29 6.37 25.00 1.75
N GLU A 30 6.86 24.63 0.55
CA GLU A 30 7.33 25.68 -0.36
C GLU A 30 6.26 26.55 -0.98
N ASP A 31 5.11 25.97 -1.35
CA ASP A 31 4.17 26.79 -2.10
C ASP A 31 2.76 26.63 -1.62
N PRO A 32 2.49 27.19 -0.43
CA PRO A 32 1.13 27.07 0.08
C PRO A 32 0.10 27.76 -0.79
N ASP A 33 0.44 28.90 -1.42
CA ASP A 33 -0.57 29.64 -2.19
C ASP A 33 -1.02 28.84 -3.40
N GLY A 34 -0.03 28.23 -4.09
CA GLY A 34 -0.39 27.43 -5.24
C GLY A 34 -1.17 26.19 -4.85
N LEU A 35 -0.80 25.55 -3.74
CA LEU A 35 -1.56 24.37 -3.35
C LEU A 35 -2.95 24.76 -2.94
N LYS A 36 -3.09 25.91 -2.23
CA LYS A 36 -4.41 26.34 -1.85
C LYS A 36 -5.33 26.41 -3.04
N GLU A 37 -4.86 27.01 -4.13
CA GLU A 37 -5.75 27.15 -5.27
C GLU A 37 -6.15 25.79 -5.77
N GLN A 38 -5.23 24.83 -5.78
CA GLN A 38 -5.56 23.47 -6.29
C GLN A 38 -6.55 22.79 -5.37
N LEU A 39 -6.35 22.88 -4.06
CA LEU A 39 -7.22 22.22 -3.10
C LEU A 39 -8.63 22.79 -3.17
N LEU A 40 -8.75 24.11 -3.36
CA LEU A 40 -10.09 24.68 -3.47
C LEU A 40 -10.81 24.18 -4.71
N GLN A 41 -10.09 23.92 -5.81
CA GLN A 41 -10.69 23.26 -6.98
C GLN A 41 -11.15 21.84 -6.62
N LEU A 42 -10.36 21.08 -5.89
CA LEU A 42 -10.81 19.76 -5.45
C LEU A 42 -12.05 19.81 -4.59
N ARG A 43 -12.10 20.76 -3.66
CA ARG A 43 -13.27 20.95 -2.77
C ARG A 43 -14.50 21.22 -3.60
N ALA A 44 -14.43 22.15 -4.55
CA ALA A 44 -15.56 22.48 -5.42
C ALA A 44 -15.99 21.30 -6.27
N ALA A 45 -15.02 20.44 -6.63
CA ALA A 45 -15.27 19.23 -7.44
C ALA A 45 -15.89 18.10 -6.64
N GLY A 46 -16.03 18.22 -5.32
CA GLY A 46 -16.67 17.21 -4.49
C GLY A 46 -15.72 16.21 -3.88
N VAL A 47 -14.43 16.34 -4.05
CA VAL A 47 -13.46 15.41 -3.48
C VAL A 47 -13.62 15.37 -1.99
N ASP A 48 -13.57 14.20 -1.35
CA ASP A 48 -13.74 14.13 0.09
C ASP A 48 -12.48 14.54 0.85
N GLY A 49 -11.32 14.12 0.39
CA GLY A 49 -10.11 14.43 1.10
C GLY A 49 -8.87 14.22 0.25
N VAL A 50 -7.71 14.33 0.82
CA VAL A 50 -6.42 14.18 0.15
C VAL A 50 -5.53 13.25 0.96
N MET A 51 -4.50 12.74 0.27
CA MET A 51 -3.51 11.85 0.85
C MET A 51 -2.12 12.49 0.77
N VAL A 52 -1.29 12.35 1.83
CA VAL A 52 0.07 12.88 1.71
C VAL A 52 1.05 11.94 2.40
N ASP A 53 2.24 11.87 1.86
CA ASP A 53 3.37 11.23 2.49
C ASP A 53 3.93 12.13 3.60
N VAL A 54 4.05 11.58 4.80
CA VAL A 54 4.72 12.26 5.93
C VAL A 54 6.09 11.58 6.02
N TRP A 55 7.07 12.17 5.32
CA TRP A 55 8.31 11.53 5.01
C TRP A 55 9.25 11.48 6.22
N TRP A 56 9.61 10.30 6.64
CA TRP A 56 10.55 10.07 7.76
C TRP A 56 11.84 10.79 7.53
N GLY A 57 12.38 10.72 6.30
CA GLY A 57 13.65 11.38 6.03
C GLY A 57 13.59 12.89 6.03
N ILE A 58 12.42 13.50 6.01
CA ILE A 58 12.26 14.94 6.22
C ILE A 58 12.18 15.19 7.72
N ILE A 59 11.23 14.56 8.40
CA ILE A 59 10.88 14.90 9.77
C ILE A 59 11.99 14.59 10.77
N GLU A 60 12.61 13.39 10.69
CA GLU A 60 13.61 12.96 11.68
C GLU A 60 15.02 13.06 11.13
N LEU A 61 15.24 14.12 10.33
CA LEU A 61 16.55 14.28 9.67
C LEU A 61 17.70 14.61 10.61
N LYS A 62 17.45 15.49 11.58
CA LYS A 62 18.59 15.99 12.37
C LYS A 62 19.28 14.89 13.15
N GLY A 63 18.54 13.91 13.65
CA GLY A 63 19.09 12.86 14.48
C GLY A 63 17.96 12.11 15.19
N PRO A 64 18.28 11.05 15.93
CA PRO A 64 17.27 10.25 16.63
C PRO A 64 16.40 11.10 17.52
N LYS A 65 15.11 10.96 17.32
CA LYS A 65 14.05 11.63 18.06
C LYS A 65 14.09 13.15 17.95
N GLN A 66 14.78 13.66 16.96
CA GLN A 66 14.83 15.08 16.64
C GLN A 66 13.82 15.36 15.52
N TYR A 67 12.55 15.43 15.88
CA TYR A 67 11.47 15.61 14.95
C TYR A 67 11.12 17.08 14.72
N ASP A 68 10.89 17.51 13.49
CA ASP A 68 10.42 18.85 13.20
C ASP A 68 9.10 18.69 12.43
N TRP A 69 7.99 18.95 13.08
CA TRP A 69 6.65 18.80 12.57
C TRP A 69 6.07 20.09 12.02
N ARG A 70 6.82 21.19 12.04
CA ARG A 70 6.25 22.49 11.80
C ARG A 70 5.70 22.69 10.39
N ALA A 71 6.45 22.30 9.34
CA ALA A 71 5.94 22.47 7.98
C ALA A 71 4.72 21.63 7.71
N TYR A 72 4.72 20.39 8.23
CA TYR A 72 3.55 19.54 8.09
C TYR A 72 2.35 20.11 8.88
N ARG A 73 2.56 20.72 10.03
CA ARG A 73 1.44 21.40 10.68
C ARG A 73 0.84 22.46 9.76
N SER A 74 1.67 23.26 9.07
CA SER A 74 1.15 24.27 8.16
C SER A 74 0.39 23.63 7.02
N LEU A 75 0.86 22.49 6.52
CA LEU A 75 0.15 21.76 5.46
C LEU A 75 -1.23 21.28 5.93
N LEU A 76 -1.26 20.61 7.09
CA LEU A 76 -2.50 20.13 7.66
C LEU A 76 -3.49 21.29 7.86
N GLN A 77 -2.97 22.39 8.36
CA GLN A 77 -3.81 23.56 8.59
C GLN A 77 -4.49 24.01 7.30
N LEU A 78 -3.71 24.04 6.21
CA LEU A 78 -4.26 24.44 4.94
C LEU A 78 -5.31 23.45 4.45
N VAL A 79 -5.04 22.15 4.57
CA VAL A 79 -6.00 21.13 4.16
C VAL A 79 -7.31 21.36 4.91
N GLN A 80 -7.23 21.61 6.21
CA GLN A 80 -8.39 21.85 7.05
C GLN A 80 -9.11 23.08 6.57
N GLU A 81 -8.42 24.17 6.32
CA GLU A 81 -9.04 25.39 5.85
C GLU A 81 -9.81 25.16 4.55
N CYS A 82 -9.31 24.29 3.67
CA CYS A 82 -9.93 24.02 2.38
C CYS A 82 -11.05 22.98 2.47
N GLY A 83 -11.39 22.50 3.65
CA GLY A 83 -12.60 21.67 3.77
C GLY A 83 -12.41 20.23 3.35
N LEU A 84 -11.19 19.73 3.45
CA LEU A 84 -10.84 18.38 3.02
C LEU A 84 -10.36 17.57 4.22
N THR A 85 -10.59 16.26 4.24
CA THR A 85 -9.95 15.38 5.19
C THR A 85 -8.61 14.88 4.64
N LEU A 86 -7.89 14.13 5.49
CA LEU A 86 -6.53 13.73 5.18
C LEU A 86 -6.30 12.27 5.49
N GLN A 87 -5.62 11.63 4.55
CA GLN A 87 -5.06 10.27 4.75
C GLN A 87 -3.55 10.50 4.94
N ALA A 88 -3.02 10.28 6.12
CA ALA A 88 -1.63 10.58 6.40
C ALA A 88 -0.76 9.32 6.30
N ILE A 89 0.21 9.27 5.39
CA ILE A 89 1.07 8.09 5.25
C ILE A 89 2.29 8.26 6.15
N MET A 90 2.53 7.30 7.01
CA MET A 90 3.78 7.23 7.78
C MET A 90 4.82 6.66 6.81
N SER A 91 5.51 7.55 6.11
CA SER A 91 6.34 7.17 4.96
C SER A 91 7.80 6.92 5.40
N PHE A 92 8.05 5.67 5.77
CA PHE A 92 9.34 5.22 6.26
C PHE A 92 10.27 4.75 5.14
N HIS A 93 10.12 5.34 3.97
CA HIS A 93 10.81 4.92 2.76
C HIS A 93 11.33 6.12 1.98
N GLN A 94 12.16 5.80 1.00
CA GLN A 94 12.70 6.78 0.10
C GLN A 94 11.79 7.13 -1.07
N CYS A 95 11.73 8.42 -1.45
CA CYS A 95 11.16 8.83 -2.71
C CYS A 95 12.29 9.00 -3.73
N GLY A 96 12.11 8.45 -4.92
CA GLY A 96 13.11 8.70 -5.98
C GLY A 96 13.32 7.66 -7.03
N GLY A 97 13.27 6.42 -6.57
CA GLY A 97 13.62 5.30 -7.47
C GLY A 97 12.50 4.44 -7.97
N ASN A 98 11.26 4.77 -7.74
CA ASN A 98 10.08 4.00 -8.16
C ASN A 98 9.29 4.78 -9.21
N VAL A 99 8.39 4.11 -9.92
CA VAL A 99 7.66 4.75 -11.02
C VAL A 99 6.99 6.03 -10.57
N GLY A 100 7.17 7.12 -11.32
CA GLY A 100 6.51 8.37 -11.04
C GLY A 100 7.22 9.26 -10.05
N ASP A 101 8.25 8.75 -9.39
CA ASP A 101 8.88 9.58 -8.35
C ASP A 101 9.68 10.71 -9.00
N ILE A 102 9.22 11.95 -8.83
CA ILE A 102 9.91 13.08 -9.44
C ILE A 102 10.66 13.97 -8.45
N VAL A 103 10.75 13.56 -7.20
CA VAL A 103 11.58 14.26 -6.22
C VAL A 103 12.38 13.22 -5.46
N ASN A 104 13.53 13.58 -4.95
CA ASN A 104 14.44 12.70 -4.22
C ASN A 104 14.39 12.99 -2.71
N ILE A 105 13.86 12.06 -1.95
CA ILE A 105 13.76 12.22 -0.50
C ILE A 105 14.29 10.96 0.18
N PRO A 106 15.51 10.91 0.64
CA PRO A 106 16.07 9.69 1.22
C PRO A 106 15.53 9.44 2.60
N ILE A 107 15.78 8.30 3.18
CA ILE A 107 15.57 8.09 4.59
C ILE A 107 16.61 8.92 5.38
N PRO A 108 16.49 9.08 6.69
CA PRO A 108 17.38 10.00 7.39
C PRO A 108 18.86 9.71 7.22
N GLN A 109 19.67 10.77 7.04
CA GLN A 109 21.11 10.54 6.84
C GLN A 109 21.76 9.84 8.02
N TRP A 110 21.29 10.06 9.23
CA TRP A 110 21.92 9.40 10.37
C TRP A 110 21.70 7.88 10.31
N VAL A 111 20.62 7.43 9.67
CA VAL A 111 20.42 5.99 9.43
C VAL A 111 21.32 5.52 8.29
N LEU A 112 21.42 6.29 7.21
CA LEU A 112 22.37 5.91 6.16
C LEU A 112 23.78 5.82 6.67
N ASP A 113 24.12 6.67 7.64
CA ASP A 113 25.47 6.65 8.20
C ASP A 113 25.70 5.31 8.88
N ILE A 114 24.70 4.82 9.62
CA ILE A 114 24.82 3.50 10.21
C ILE A 114 24.94 2.44 9.11
N GLY A 115 24.23 2.60 8.05
CA GLY A 115 24.28 1.69 6.90
C GLY A 115 25.65 1.65 6.25
N GLU A 116 26.42 2.70 6.33
CA GLU A 116 27.76 2.68 5.75
C GLU A 116 28.65 1.72 6.52
N SER A 117 28.42 1.54 7.80
CA SER A 117 29.09 0.66 8.75
C SER A 117 28.51 -0.75 8.74
N ASN A 118 27.25 -0.86 8.38
CA ASN A 118 26.48 -2.11 8.45
C ASN A 118 25.60 -2.17 7.20
N HIS A 119 26.17 -2.72 6.13
CA HIS A 119 25.46 -2.75 4.88
C HIS A 119 24.24 -3.64 4.85
N ASP A 120 24.10 -4.52 5.78
CA ASP A 120 23.06 -5.49 5.92
C ASP A 120 21.78 -4.89 6.55
N ILE A 121 21.74 -3.57 6.82
CA ILE A 121 20.45 -2.98 7.17
C ILE A 121 19.50 -2.75 5.98
N PHE A 122 20.02 -3.00 4.76
CA PHE A 122 19.30 -2.79 3.54
C PHE A 122 18.93 -4.10 2.86
N TYR A 123 17.77 -4.10 2.20
CA TYR A 123 17.42 -5.25 1.37
C TYR A 123 18.52 -5.45 0.32
N THR A 124 18.87 -6.71 0.12
CA THR A 124 20.03 -7.13 -0.68
C THR A 124 19.62 -8.25 -1.59
N ASN A 125 20.03 -8.17 -2.87
CA ASN A 125 19.76 -9.25 -3.81
C ASN A 125 20.92 -10.22 -3.84
N ARG A 126 20.77 -11.25 -4.66
CA ARG A 126 21.78 -12.33 -4.67
C ARG A 126 23.14 -11.80 -5.10
N SER A 127 23.18 -10.84 -6.02
CA SER A 127 24.40 -10.24 -6.50
C SER A 127 25.09 -9.38 -5.44
N GLY A 128 24.39 -9.02 -4.37
CA GLY A 128 25.00 -8.23 -3.33
C GLY A 128 24.68 -6.76 -3.34
N THR A 129 23.81 -6.31 -4.26
CA THR A 129 23.47 -4.89 -4.29
C THR A 129 22.56 -4.52 -3.11
N ARG A 130 22.93 -3.41 -2.47
CA ARG A 130 22.16 -2.90 -1.33
C ARG A 130 21.19 -1.84 -1.79
N ASN A 131 19.92 -2.03 -1.47
CA ASN A 131 18.88 -1.05 -1.84
C ASN A 131 18.63 -0.11 -0.66
N LYS A 132 18.90 1.17 -0.80
CA LYS A 132 18.84 2.11 0.36
C LYS A 132 17.46 2.69 0.60
N GLU A 133 16.40 2.18 -0.05
CA GLU A 133 15.10 2.82 0.02
C GLU A 133 14.31 2.49 1.29
N TYR A 134 14.65 1.46 2.05
CA TYR A 134 13.86 0.99 3.18
C TYR A 134 14.71 0.05 4.02
N LEU A 135 14.54 -0.02 5.33
CA LEU A 135 15.31 -0.94 6.16
C LEU A 135 14.78 -2.37 6.08
N THR A 136 15.64 -3.34 5.86
CA THR A 136 15.18 -4.72 5.74
C THR A 136 14.35 -5.14 6.95
N VAL A 137 13.31 -5.92 6.75
CA VAL A 137 12.59 -6.64 7.80
C VAL A 137 13.58 -7.33 8.74
N GLY A 138 14.73 -7.77 8.23
CA GLY A 138 15.77 -8.37 9.03
C GLY A 138 16.17 -7.57 10.26
N VAL A 139 16.06 -6.25 10.26
CA VAL A 139 16.52 -5.44 11.38
C VAL A 139 15.35 -4.86 12.16
N ASP A 140 14.13 -5.34 11.93
CA ASP A 140 12.95 -4.89 12.66
C ASP A 140 13.17 -4.89 14.16
N ASN A 141 13.80 -5.90 14.69
CA ASN A 141 14.00 -6.08 16.13
C ASN A 141 15.47 -6.17 16.53
N GLU A 142 16.32 -5.58 15.72
CA GLU A 142 17.75 -5.51 16.00
C GLU A 142 18.06 -4.13 16.58
N PRO A 143 18.57 -4.04 17.79
CA PRO A 143 18.70 -2.74 18.45
C PRO A 143 20.03 -2.04 18.07
N ILE A 144 20.17 -1.78 16.77
CA ILE A 144 21.40 -1.33 16.16
C ILE A 144 21.38 0.13 15.73
N PHE A 145 20.26 0.86 15.99
CA PHE A 145 20.13 2.25 15.57
C PHE A 145 20.26 3.14 16.80
N HIS A 146 21.51 3.38 17.25
CA HIS A 146 21.76 4.08 18.49
C HIS A 146 20.90 3.54 19.61
N GLY A 147 20.84 2.20 19.71
CA GLY A 147 20.10 1.56 20.77
C GLY A 147 18.65 1.17 20.47
N ARG A 148 18.06 1.75 19.44
CA ARG A 148 16.70 1.38 19.03
C ARG A 148 16.69 0.35 17.90
N THR A 149 15.63 -0.44 17.85
CA THR A 149 15.36 -1.27 16.73
C THR A 149 14.62 -0.49 15.62
N ALA A 150 14.50 -1.04 14.43
CA ALA A 150 13.74 -0.33 13.38
C ALA A 150 12.29 -0.19 13.80
N ILE A 151 11.67 -1.20 14.39
CA ILE A 151 10.27 -1.04 14.78
C ILE A 151 10.12 0.01 15.84
N GLU A 152 10.97 0.20 16.77
CA GLU A 152 10.99 1.25 17.78
C GLU A 152 11.10 2.60 17.12
N ILE A 153 11.96 2.73 16.10
CA ILE A 153 11.97 3.98 15.35
C ILE A 153 10.58 4.30 14.81
N TYR A 154 9.94 3.34 14.16
CA TYR A 154 8.65 3.58 13.53
C TYR A 154 7.63 3.94 14.60
N SER A 155 7.66 3.20 15.71
CA SER A 155 6.75 3.43 16.83
C SER A 155 6.88 4.81 17.44
N ASP A 156 8.10 5.20 17.73
CA ASP A 156 8.37 6.52 18.28
C ASP A 156 7.90 7.61 17.35
N TYR A 157 8.08 7.45 16.06
CA TYR A 157 7.69 8.44 15.06
C TYR A 157 6.18 8.61 15.06
N MET A 158 5.48 7.46 15.06
CA MET A 158 4.01 7.52 15.07
C MET A 158 3.47 8.15 16.34
N LYS A 159 4.06 7.82 17.48
CA LYS A 159 3.64 8.47 18.73
C LYS A 159 3.87 9.96 18.69
N SER A 160 5.00 10.41 18.17
CA SER A 160 5.29 11.81 18.11
C SER A 160 4.34 12.52 17.15
N PHE A 161 4.00 11.88 16.05
CA PHE A 161 3.00 12.45 15.15
C PHE A 161 1.67 12.59 15.88
N ARG A 162 1.23 11.56 16.57
CA ARG A 162 -0.03 11.61 17.28
C ARG A 162 -0.08 12.78 18.27
N GLU A 163 0.99 12.94 19.04
CA GLU A 163 1.02 13.99 20.06
C GLU A 163 1.09 15.37 19.41
N ASN A 164 2.00 15.55 18.46
CA ASN A 164 2.20 16.86 17.86
C ASN A 164 1.08 17.30 16.95
N MET A 165 0.29 16.37 16.40
CA MET A 165 -0.89 16.64 15.56
C MET A 165 -2.19 16.39 16.30
N SER A 166 -2.15 16.39 17.65
CA SER A 166 -3.27 15.98 18.45
C SER A 166 -4.48 16.88 18.20
N ASP A 167 -4.32 18.17 17.96
CA ASP A 167 -5.44 19.03 17.69
C ASP A 167 -6.14 18.67 16.38
N PHE A 168 -5.36 18.41 15.31
CA PHE A 168 -5.97 17.99 14.05
C PHE A 168 -6.67 16.65 14.19
N LEU A 169 -6.04 15.74 14.94
CA LEU A 169 -6.67 14.45 15.16
C LEU A 169 -8.00 14.58 15.91
N GLU A 170 -7.98 15.41 16.95
CA GLU A 170 -9.20 15.64 17.76
C GLU A 170 -10.31 16.26 16.96
N SER A 171 -9.95 17.14 16.05
CA SER A 171 -10.96 17.79 15.24
C SER A 171 -11.48 16.92 14.09
N GLY A 172 -10.93 15.72 13.88
CA GLY A 172 -11.41 14.84 12.83
C GLY A 172 -10.83 15.10 11.47
N LEU A 173 -9.73 15.85 11.35
CA LEU A 173 -9.07 16.10 10.07
C LEU A 173 -8.58 14.82 9.39
N ILE A 174 -8.05 13.92 10.17
CA ILE A 174 -7.38 12.74 9.61
C ILE A 174 -8.32 11.56 9.64
N ILE A 175 -8.59 11.01 8.46
CA ILE A 175 -9.52 9.90 8.43
C ILE A 175 -8.80 8.57 8.58
N ASP A 176 -7.56 8.45 8.09
CA ASP A 176 -6.80 7.21 8.28
C ASP A 176 -5.32 7.55 8.30
N ILE A 177 -4.61 6.64 9.01
CA ILE A 177 -3.16 6.59 9.05
C ILE A 177 -2.74 5.40 8.17
N GLU A 178 -2.04 5.71 7.10
CA GLU A 178 -1.53 4.66 6.19
C GLU A 178 -0.13 4.32 6.70
N VAL A 179 0.00 3.13 7.28
CA VAL A 179 1.28 2.75 7.93
C VAL A 179 2.22 2.23 6.87
N GLY A 180 3.26 2.95 6.50
CA GLY A 180 4.23 2.51 5.51
C GLY A 180 4.99 1.29 6.00
N LEU A 181 5.10 0.25 5.14
CA LEU A 181 5.65 -1.05 5.52
C LEU A 181 6.75 -1.55 4.62
N GLY A 182 7.20 -0.70 3.71
CA GLY A 182 8.24 -1.10 2.76
C GLY A 182 8.44 -0.05 1.70
N PRO A 183 9.07 -0.44 0.62
CA PRO A 183 9.28 0.39 -0.58
C PRO A 183 7.95 0.97 -1.04
N ALA A 184 7.95 2.24 -1.37
CA ALA A 184 6.78 2.97 -1.85
C ALA A 184 5.64 2.93 -0.84
N GLY A 185 5.99 2.69 0.43
CA GLY A 185 5.08 2.55 1.52
C GLY A 185 4.33 1.25 1.59
N GLU A 186 4.60 0.32 0.67
CA GLU A 186 3.86 -0.90 0.54
C GLU A 186 4.48 -2.07 1.29
N LEU A 187 3.62 -2.96 1.77
CA LEU A 187 4.06 -4.17 2.41
C LEU A 187 4.54 -5.16 1.31
N ARG A 188 5.80 -5.07 0.98
CA ARG A 188 6.45 -5.85 -0.08
C ARG A 188 7.95 -5.80 0.03
N TYR A 189 8.63 -6.70 -0.69
CA TYR A 189 10.05 -6.56 -0.94
C TYR A 189 10.30 -5.71 -2.16
N PRO A 190 11.46 -5.08 -2.28
CA PRO A 190 11.81 -4.28 -3.46
C PRO A 190 12.29 -5.17 -4.60
N SER A 191 11.40 -6.03 -5.10
CA SER A 191 11.79 -7.05 -6.11
C SER A 191 11.86 -6.51 -7.53
N TYR A 192 11.31 -5.30 -7.78
CA TYR A 192 11.30 -4.66 -9.09
C TYR A 192 11.89 -3.25 -9.05
N PRO A 193 13.18 -3.15 -8.69
CA PRO A 193 13.79 -1.86 -8.55
C PRO A 193 14.28 -1.26 -9.84
N GLN A 194 13.62 -0.17 -10.23
CA GLN A 194 14.04 0.58 -11.38
C GLN A 194 15.51 1.03 -11.17
N SER A 195 15.88 1.29 -9.92
CA SER A 195 17.24 1.74 -9.57
C SER A 195 18.32 0.73 -9.92
N GLN A 196 17.97 -0.54 -10.12
CA GLN A 196 18.93 -1.58 -10.50
C GLN A 196 18.60 -2.15 -11.88
N GLY A 197 17.87 -1.43 -12.70
CA GLY A 197 17.68 -1.80 -14.07
C GLY A 197 16.45 -2.63 -14.38
N TRP A 198 15.62 -2.91 -13.41
CA TRP A 198 14.38 -3.64 -13.70
C TRP A 198 13.49 -2.82 -14.62
N GLU A 199 12.71 -3.32 -15.57
CA GLU A 199 11.85 -2.90 -16.56
C GLU A 199 10.73 -3.93 -16.57
N PHE A 200 9.54 -3.42 -16.49
CA PHE A 200 8.35 -4.19 -16.69
C PHE A 200 8.44 -4.97 -17.98
N PRO A 201 8.00 -6.22 -18.05
CA PRO A 201 7.46 -7.04 -16.99
C PRO A 201 8.42 -8.07 -16.43
N GLY A 202 9.66 -7.68 -16.13
CA GLY A 202 10.59 -8.67 -15.61
C GLY A 202 10.09 -9.32 -14.33
N ILE A 203 10.45 -10.59 -14.10
CA ILE A 203 9.99 -11.36 -12.94
C ILE A 203 10.48 -10.75 -11.62
N GLY A 204 11.51 -9.91 -11.64
CA GLY A 204 12.03 -9.35 -10.40
C GLY A 204 12.97 -10.35 -9.71
N GLU A 205 13.44 -10.00 -8.52
CA GLU A 205 14.33 -10.86 -7.80
C GLU A 205 14.01 -10.90 -6.31
N PHE A 206 14.26 -12.01 -5.69
CA PHE A 206 14.17 -12.19 -4.25
C PHE A 206 15.18 -11.29 -3.57
N GLN A 207 14.76 -10.69 -2.44
CA GLN A 207 15.47 -9.64 -1.73
C GLN A 207 15.78 -10.05 -0.30
N CYS A 208 16.24 -11.28 -0.11
CA CYS A 208 16.46 -11.85 1.20
C CYS A 208 17.92 -12.23 1.51
N TYR A 209 18.87 -11.56 0.88
CA TYR A 209 20.27 -11.94 0.98
C TYR A 209 21.04 -11.12 1.98
N ASP A 210 20.43 -10.14 2.68
CA ASP A 210 21.11 -9.46 3.76
C ASP A 210 21.43 -10.49 4.84
N LYS A 211 22.44 -10.21 5.68
CA LYS A 211 22.90 -11.24 6.59
C LYS A 211 21.87 -11.64 7.63
N TYR A 212 20.96 -10.76 7.99
CA TYR A 212 19.94 -11.04 9.00
C TYR A 212 18.90 -12.01 8.44
N LEU A 213 18.39 -11.67 7.26
CA LEU A 213 17.46 -12.61 6.64
C LEU A 213 18.09 -13.93 6.27
N LYS A 214 19.30 -13.88 5.76
CA LYS A 214 19.97 -15.14 5.37
C LYS A 214 20.11 -16.03 6.62
N ALA A 215 20.58 -15.46 7.76
CA ALA A 215 20.73 -16.25 8.99
C ALA A 215 19.40 -16.81 9.51
N ASP A 216 18.36 -15.98 9.44
CA ASP A 216 17.04 -16.42 9.84
C ASP A 216 16.58 -17.60 9.01
N PHE A 217 16.72 -17.51 7.69
CA PHE A 217 16.40 -18.60 6.77
C PHE A 217 17.20 -19.86 7.14
N LYS A 218 18.52 -19.67 7.29
CA LYS A 218 19.33 -20.84 7.57
C LYS A 218 18.92 -21.50 8.85
N ALA A 219 18.53 -20.76 9.88
CA ALA A 219 18.12 -21.39 11.14
C ALA A 219 16.81 -22.13 10.93
N ALA A 220 15.93 -21.52 10.15
CA ALA A 220 14.64 -22.14 9.85
C ALA A 220 14.79 -23.45 9.07
N VAL A 221 15.65 -23.45 8.06
CA VAL A 221 15.76 -24.74 7.34
C VAL A 221 16.37 -25.84 8.20
N ALA A 222 17.27 -25.42 9.10
CA ALA A 222 17.83 -26.38 10.06
C ALA A 222 16.75 -26.96 10.95
N ARG A 223 15.86 -26.09 11.45
CA ARG A 223 14.77 -26.57 12.29
C ARG A 223 13.86 -27.48 11.48
N ALA A 224 13.79 -27.32 10.18
CA ALA A 224 12.95 -28.15 9.32
C ALA A 224 13.65 -29.46 8.98
N GLY A 225 14.88 -29.67 9.42
CA GLY A 225 15.58 -30.89 9.19
C GLY A 225 16.41 -30.88 7.93
N HIS A 226 16.59 -29.70 7.36
CA HIS A 226 17.36 -29.52 6.15
C HIS A 226 18.34 -28.34 6.26
N PRO A 227 19.31 -28.46 7.17
CA PRO A 227 20.26 -27.40 7.39
C PRO A 227 21.08 -27.03 6.18
N GLU A 228 21.22 -27.94 5.19
CA GLU A 228 21.97 -27.68 3.97
C GLU A 228 21.25 -26.82 2.92
N TRP A 229 19.94 -26.63 3.07
CA TRP A 229 19.24 -25.81 2.09
C TRP A 229 19.83 -24.40 2.08
N GLU A 230 19.98 -23.87 0.91
CA GLU A 230 20.40 -22.52 0.62
C GLU A 230 19.29 -21.72 -0.03
N LEU A 231 19.44 -20.41 0.05
CA LEU A 231 18.57 -19.48 -0.63
C LEU A 231 18.53 -19.76 -2.13
N PRO A 232 17.45 -19.40 -2.84
CA PRO A 232 17.39 -19.78 -4.26
C PRO A 232 18.61 -19.27 -5.03
N ASP A 233 19.10 -20.18 -5.87
CA ASP A 233 20.22 -19.90 -6.74
C ASP A 233 19.89 -20.14 -8.21
N ASP A 234 18.63 -20.42 -8.52
CA ASP A 234 18.20 -20.68 -9.89
C ASP A 234 17.01 -19.85 -10.33
N ALA A 235 16.84 -18.69 -9.71
CA ALA A 235 15.69 -17.84 -9.97
C ALA A 235 15.99 -16.74 -10.97
N GLY A 236 17.17 -16.72 -11.60
CA GLY A 236 17.44 -15.75 -12.64
C GLY A 236 17.60 -14.33 -12.10
N LYS A 237 17.39 -13.38 -12.97
CA LYS A 237 17.61 -11.97 -12.70
C LYS A 237 16.36 -11.14 -13.02
N TYR A 238 16.42 -9.89 -12.65
CA TYR A 238 15.30 -8.97 -12.68
C TYR A 238 14.46 -9.03 -13.95
N ASN A 239 15.11 -9.03 -15.11
CA ASN A 239 14.36 -9.00 -16.35
C ASN A 239 14.11 -10.26 -17.08
N ASP A 240 14.34 -11.37 -16.38
CA ASP A 240 14.03 -12.64 -16.99
C ASP A 240 12.54 -12.87 -17.06
N VAL A 241 12.19 -13.85 -17.87
CA VAL A 241 10.86 -14.45 -17.94
C VAL A 241 10.88 -15.78 -17.16
N PRO A 242 9.77 -16.22 -16.62
CA PRO A 242 9.81 -17.34 -15.69
C PRO A 242 10.33 -18.61 -16.33
N GLU A 243 10.03 -18.90 -17.59
CA GLU A 243 10.41 -20.18 -18.20
C GLU A 243 11.90 -20.23 -18.42
N SER A 244 12.61 -19.12 -18.31
CA SER A 244 14.06 -19.12 -18.43
C SER A 244 14.83 -19.51 -17.17
N THR A 245 14.09 -19.78 -16.09
CA THR A 245 14.69 -20.03 -14.79
C THR A 245 14.36 -21.41 -14.28
N GLY A 246 15.34 -21.99 -13.57
CA GLY A 246 15.09 -23.21 -12.90
C GLY A 246 14.06 -23.18 -11.82
N PHE A 247 13.98 -21.98 -11.18
CA PHE A 247 13.08 -21.83 -10.05
C PHE A 247 11.62 -21.81 -10.41
N PHE A 248 11.21 -21.13 -11.47
CA PHE A 248 9.88 -20.79 -11.91
C PHE A 248 9.41 -21.56 -13.13
N LYS A 249 10.27 -22.31 -13.82
CA LYS A 249 9.78 -23.14 -14.90
C LYS A 249 8.83 -24.19 -14.34
N SER A 250 8.01 -24.78 -15.26
CA SER A 250 7.15 -25.91 -14.94
C SER A 250 7.91 -27.02 -14.23
N ASN A 251 7.40 -27.55 -13.17
CA ASN A 251 8.02 -28.56 -12.36
C ASN A 251 9.35 -28.08 -11.74
N GLY A 252 9.58 -26.79 -11.72
CA GLY A 252 10.83 -26.26 -11.21
C GLY A 252 10.90 -26.15 -9.71
N THR A 253 11.92 -25.41 -9.23
CA THR A 253 12.20 -25.47 -7.78
C THR A 253 11.06 -24.93 -6.94
N TYR A 254 10.28 -23.99 -7.48
CA TYR A 254 9.20 -23.43 -6.65
C TYR A 254 8.19 -24.44 -6.17
N VAL A 255 8.07 -25.61 -6.82
CA VAL A 255 7.11 -26.60 -6.34
C VAL A 255 7.78 -27.73 -5.58
N THR A 256 9.07 -27.69 -5.40
CA THR A 256 9.75 -28.67 -4.56
C THR A 256 9.57 -28.37 -3.10
N GLU A 257 9.84 -29.34 -2.24
CA GLU A 257 9.79 -29.09 -0.81
C GLU A 257 10.67 -27.91 -0.42
N LYS A 258 11.87 -27.83 -0.94
CA LYS A 258 12.81 -26.74 -0.66
C LYS A 258 12.19 -25.41 -1.08
N GLY A 259 11.67 -25.35 -2.30
CA GLY A 259 11.18 -24.07 -2.80
C GLY A 259 9.94 -23.62 -2.08
N LYS A 260 9.04 -24.55 -1.76
CA LYS A 260 7.83 -24.21 -1.03
C LYS A 260 8.17 -23.71 0.39
N PHE A 261 9.18 -24.35 1.01
CA PHE A 261 9.60 -23.88 2.33
C PHE A 261 10.11 -22.45 2.22
N PHE A 262 10.98 -22.20 1.28
CA PHE A 262 11.55 -20.88 1.08
C PHE A 262 10.43 -19.85 0.90
N LEU A 263 9.50 -20.15 0.02
CA LEU A 263 8.47 -19.18 -0.34
C LEU A 263 7.56 -18.89 0.86
N THR A 264 7.26 -19.88 1.66
CA THR A 264 6.50 -19.75 2.88
C THR A 264 7.25 -18.87 3.87
N TRP A 265 8.53 -19.15 4.05
CA TRP A 265 9.38 -18.40 4.98
C TRP A 265 9.41 -16.94 4.56
N TYR A 266 9.62 -16.68 3.27
CA TYR A 266 9.84 -15.37 2.70
C TYR A 266 8.59 -14.49 2.84
N SER A 267 7.45 -15.08 2.49
CA SER A 267 6.17 -14.42 2.58
C SER A 267 5.74 -14.24 4.02
N ASN A 268 6.01 -15.19 4.91
CA ASN A 268 5.73 -14.99 6.33
C ASN A 268 6.46 -13.83 6.96
N LYS A 269 7.68 -13.55 6.50
CA LYS A 269 8.38 -12.41 7.03
C LYS A 269 7.53 -11.14 6.86
N LEU A 270 6.88 -10.97 5.74
CA LEU A 270 6.06 -9.78 5.54
C LEU A 270 4.81 -9.78 6.36
N LEU A 271 4.15 -10.90 6.53
CA LEU A 271 2.99 -10.98 7.39
C LEU A 271 3.35 -10.53 8.80
N ASN A 272 4.47 -11.04 9.31
CA ASN A 272 4.87 -10.72 10.68
C ASN A 272 5.38 -9.27 10.80
N HIS A 273 6.04 -8.76 9.80
CA HIS A 273 6.48 -7.38 9.73
C HIS A 273 5.27 -6.43 9.84
N GLY A 274 4.26 -6.69 9.01
CA GLY A 274 3.06 -5.85 9.07
C GLY A 274 2.36 -5.98 10.40
N ASP A 275 2.22 -7.18 10.94
CA ASP A 275 1.49 -7.39 12.20
C ASP A 275 2.18 -6.65 13.35
N GLN A 276 3.51 -6.76 13.43
CA GLN A 276 4.25 -6.19 14.53
C GLN A 276 4.25 -4.67 14.45
N ILE A 277 4.35 -4.14 13.24
CA ILE A 277 4.36 -2.68 13.15
C ILE A 277 2.97 -2.11 13.37
N LEU A 278 1.95 -2.79 12.90
CA LEU A 278 0.58 -2.38 13.19
C LEU A 278 0.32 -2.43 14.69
N ASP A 279 0.91 -3.35 15.43
CA ASP A 279 0.75 -3.32 16.90
C ASP A 279 1.20 -1.99 17.44
N GLU A 280 2.31 -1.47 16.94
CA GLU A 280 2.84 -0.17 17.38
C GLU A 280 1.99 0.98 16.90
N ALA A 281 1.41 0.86 15.70
CA ALA A 281 0.51 1.90 15.20
C ALA A 281 -0.75 1.97 16.06
N ASN A 282 -1.31 0.81 16.43
CA ASN A 282 -2.50 0.83 17.29
C ASN A 282 -2.13 1.44 18.65
N LYS A 283 -0.96 1.16 19.23
CA LYS A 283 -0.58 1.80 20.46
C LYS A 283 -0.44 3.28 20.25
N ALA A 284 0.19 3.73 19.16
CA ALA A 284 0.43 5.15 18.99
C ALA A 284 -0.86 5.95 18.84
N PHE A 285 -1.85 5.39 18.15
CA PHE A 285 -3.08 6.11 17.85
C PHE A 285 -4.25 5.70 18.70
N LEU A 286 -4.01 4.90 19.74
CA LEU A 286 -5.08 4.40 20.60
C LEU A 286 -5.95 5.55 21.07
N GLY A 287 -7.27 5.41 20.88
CA GLY A 287 -8.22 6.41 21.36
C GLY A 287 -8.51 7.52 20.38
N CME A 288 -7.76 7.64 19.28
CA CME A 288 -7.89 8.72 18.32
CB CME A 288 -6.60 8.98 17.54
SG CME A 288 -5.25 9.50 18.61
SD CME A 288 -5.56 11.43 18.90
CE CME A 288 -6.66 11.28 20.35
CZ CME A 288 -6.40 12.65 21.07
OH CME A 288 -5.54 13.55 20.62
C CME A 288 -8.97 8.28 17.33
O CME A 288 -9.09 7.12 16.96
N LYS A 289 -9.70 9.26 16.79
CA LYS A 289 -10.73 9.00 15.80
C LYS A 289 -10.09 8.95 14.40
N VAL A 290 -9.41 7.82 14.16
CA VAL A 290 -8.77 7.52 12.92
C VAL A 290 -8.88 6.00 12.68
N LYS A 291 -8.79 5.57 11.45
CA LYS A 291 -8.58 4.16 11.18
C LYS A 291 -7.13 3.94 10.73
N LEU A 292 -6.65 2.70 10.87
CA LEU A 292 -5.37 2.32 10.33
C LEU A 292 -5.55 1.65 8.98
N ALA A 293 -4.56 1.81 8.13
CA ALA A 293 -4.54 1.21 6.80
C ALA A 293 -3.13 0.76 6.47
N ILE A 294 -3.01 -0.24 5.59
CA ILE A 294 -1.75 -0.58 4.95
C ILE A 294 -1.94 -0.59 3.42
N LYS A 295 -0.82 -0.54 2.72
CA LYS A 295 -0.84 -0.60 1.28
C LYS A 295 -0.23 -1.90 0.79
N VAL A 296 -0.96 -2.55 -0.13
CA VAL A 296 -0.49 -3.78 -0.80
C VAL A 296 -0.33 -3.45 -2.28
N SER A 297 0.84 -3.75 -2.85
CA SER A 297 1.15 -3.48 -4.23
C SER A 297 0.40 -4.45 -5.13
N GLY A 298 -0.01 -3.96 -6.32
CA GLY A 298 -0.67 -4.79 -7.33
C GLY A 298 0.31 -5.34 -8.35
N ILE A 299 0.75 -6.56 -8.13
CA ILE A 299 1.74 -7.20 -9.02
C ILE A 299 1.01 -8.07 -10.02
N HIS A 300 0.59 -7.41 -11.10
CA HIS A 300 -0.31 -8.07 -12.03
C HIS A 300 0.41 -8.89 -13.13
N TRP A 301 1.69 -8.60 -13.34
CA TRP A 301 2.44 -9.28 -14.38
C TRP A 301 2.76 -10.69 -13.91
N TRP A 302 2.57 -11.67 -14.78
CA TRP A 302 2.72 -13.10 -14.54
C TRP A 302 1.58 -13.63 -13.71
N TYR A 303 0.56 -12.84 -13.40
CA TYR A 303 -0.60 -13.40 -12.69
C TYR A 303 -1.26 -14.53 -13.48
N LYS A 304 -1.18 -14.42 -14.81
CA LYS A 304 -1.85 -15.39 -15.69
C LYS A 304 -1.06 -16.66 -16.00
N VAL A 305 0.09 -16.89 -15.37
CA VAL A 305 0.80 -18.15 -15.49
C VAL A 305 0.89 -18.78 -14.10
N GLU A 306 1.10 -20.10 -14.08
CA GLU A 306 0.89 -20.83 -12.84
C GLU A 306 1.94 -20.46 -11.81
N ASN A 307 3.07 -19.93 -12.20
CA ASN A 307 4.15 -19.64 -11.23
C ASN A 307 3.99 -18.26 -10.58
N HIS A 308 3.16 -17.36 -11.10
CA HIS A 308 2.97 -16.05 -10.47
C HIS A 308 4.30 -15.40 -10.04
N ALA A 309 5.30 -15.44 -10.91
CA ALA A 309 6.69 -15.27 -10.47
C ALA A 309 6.87 -13.90 -9.84
N ALA A 310 6.29 -12.84 -10.42
CA ALA A 310 6.55 -11.49 -9.89
C ALA A 310 5.88 -11.27 -8.56
N GLU A 311 4.70 -11.87 -8.35
CA GLU A 311 4.08 -11.84 -7.03
C GLU A 311 5.01 -12.49 -6.02
N LEU A 312 5.49 -13.71 -6.37
CA LEU A 312 6.38 -14.44 -5.49
C LEU A 312 7.63 -13.66 -5.15
N THR A 313 8.31 -13.03 -6.10
CA THR A 313 9.53 -12.30 -5.71
C THR A 313 9.20 -11.05 -4.87
N ALA A 314 8.01 -10.47 -5.03
CA ALA A 314 7.56 -9.36 -4.17
C ALA A 314 7.25 -9.77 -2.75
N GLY A 315 7.06 -11.07 -2.54
CA GLY A 315 6.71 -11.56 -1.21
C GLY A 315 5.27 -11.97 -1.01
N TYR A 316 4.50 -11.97 -2.10
CA TYR A 316 3.10 -12.38 -2.08
C TYR A 316 3.04 -13.81 -2.62
N TYR A 317 2.89 -14.77 -1.72
CA TYR A 317 2.99 -16.19 -2.14
C TYR A 317 1.61 -16.67 -2.60
N ASN A 318 1.28 -16.17 -3.79
CA ASN A 318 -0.02 -16.33 -4.39
C ASN A 318 0.09 -17.20 -5.65
N LEU A 319 -0.58 -18.33 -5.64
CA LEU A 319 -0.61 -19.24 -6.74
C LEU A 319 -2.07 -19.56 -7.08
N ASN A 320 -2.30 -20.37 -8.13
CA ASN A 320 -3.66 -20.72 -8.45
C ASN A 320 -4.35 -21.57 -7.41
N ASP A 321 -3.54 -22.24 -6.58
CA ASP A 321 -4.00 -23.12 -5.52
C ASP A 321 -3.51 -22.71 -4.15
N ARG A 322 -3.11 -21.45 -3.97
CA ARG A 322 -2.69 -20.91 -2.67
C ARG A 322 -2.97 -19.40 -2.68
N ASP A 323 -3.88 -18.96 -1.78
CA ASP A 323 -4.18 -17.56 -1.74
C ASP A 323 -3.15 -16.79 -0.89
N GLY A 324 -2.35 -15.96 -1.56
CA GLY A 324 -1.29 -15.24 -0.85
C GLY A 324 -1.76 -13.90 -0.29
N TYR A 325 -2.98 -13.51 -0.55
CA TYR A 325 -3.50 -12.21 -0.07
C TYR A 325 -4.49 -12.34 1.06
N ARG A 326 -5.34 -13.35 1.09
CA ARG A 326 -6.28 -13.46 2.16
C ARG A 326 -5.60 -13.61 3.53
N PRO A 327 -4.46 -14.24 3.67
CA PRO A 327 -3.74 -14.16 4.95
C PRO A 327 -3.36 -12.74 5.38
N ILE A 328 -3.04 -11.88 4.43
CA ILE A 328 -2.81 -10.46 4.76
C ILE A 328 -4.09 -9.84 5.27
N ALA A 329 -5.21 -10.07 4.60
CA ALA A 329 -6.49 -9.57 5.06
C ALA A 329 -6.79 -10.04 6.48
N ARG A 330 -6.58 -11.35 6.74
CA ARG A 330 -6.83 -11.91 8.07
C ARG A 330 -5.97 -11.24 9.12
N MET A 331 -4.71 -11.01 8.79
CA MET A 331 -3.79 -10.34 9.71
C MET A 331 -4.33 -8.95 10.05
N LEU A 332 -4.86 -8.24 9.07
CA LEU A 332 -5.39 -6.88 9.29
C LEU A 332 -6.59 -6.86 10.21
N SER A 333 -7.34 -7.98 10.20
CA SER A 333 -8.59 -7.96 10.95
C SER A 333 -8.38 -7.68 12.43
N ARG A 334 -7.34 -8.19 13.06
CA ARG A 334 -7.18 -7.97 14.51
C ARG A 334 -6.89 -6.51 14.76
N HIS A 335 -6.36 -5.82 13.77
CA HIS A 335 -6.06 -4.38 13.91
C HIS A 335 -7.21 -3.50 13.43
N HIS A 336 -8.30 -4.09 12.98
CA HIS A 336 -9.40 -3.33 12.45
C HIS A 336 -8.96 -2.42 11.32
N ALA A 337 -7.98 -2.88 10.53
CA ALA A 337 -7.29 -2.08 9.56
C ALA A 337 -7.83 -2.29 8.15
N ILE A 338 -7.65 -1.26 7.34
CA ILE A 338 -7.99 -1.25 5.95
C ILE A 338 -6.88 -1.77 5.06
N LEU A 339 -7.27 -2.62 4.10
CA LEU A 339 -6.35 -3.08 3.08
C LEU A 339 -6.50 -2.13 1.89
N ASN A 340 -5.49 -1.32 1.62
CA ASN A 340 -5.51 -0.40 0.49
C ASN A 340 -4.74 -1.04 -0.67
N PHE A 341 -5.49 -1.40 -1.71
CA PHE A 341 -4.91 -2.11 -2.86
C PHE A 341 -4.68 -1.17 -4.02
N SER A 342 -4.40 -1.68 -5.18
CA SER A 342 -3.96 -0.93 -6.35
C SER A 342 -4.59 -1.48 -7.62
N CYS A 343 -4.21 -0.95 -8.76
CA CYS A 343 -4.64 -1.43 -10.07
C CYS A 343 -6.12 -1.25 -10.31
N LEU A 344 -6.80 -0.35 -9.57
CA LEU A 344 -8.25 -0.25 -9.73
C LEU A 344 -8.73 0.25 -11.09
N GLU A 345 -7.82 0.88 -11.82
CA GLU A 345 -8.11 1.47 -13.12
C GLU A 345 -7.82 0.54 -14.27
N MET A 346 -7.11 -0.55 -14.05
CA MET A 346 -6.50 -1.32 -15.14
C MET A 346 -7.40 -2.39 -15.70
N ARG A 347 -7.28 -2.52 -17.04
CA ARG A 347 -7.92 -3.63 -17.74
C ARG A 347 -6.84 -4.48 -18.37
N ASP A 348 -7.13 -5.77 -18.42
CA ASP A 348 -6.15 -6.73 -18.90
C ASP A 348 -5.73 -6.45 -20.34
N SER A 349 -6.72 -5.97 -21.14
CA SER A 349 -6.50 -5.69 -22.54
C SER A 349 -5.53 -4.56 -22.77
N GLU A 350 -5.25 -3.77 -21.73
CA GLU A 350 -4.33 -2.65 -21.81
C GLU A 350 -2.87 -3.05 -21.64
N GLN A 351 -2.68 -4.32 -21.23
CA GLN A 351 -1.34 -4.74 -20.94
C GLN A 351 -0.79 -5.59 -22.09
N PRO A 352 0.51 -5.60 -22.26
CA PRO A 352 1.06 -6.39 -23.35
C PRO A 352 0.85 -7.87 -23.10
N SER A 353 0.56 -8.60 -24.18
CA SER A 353 0.33 -10.04 -24.06
C SER A 353 1.46 -10.78 -23.37
N ASP A 354 2.67 -10.35 -23.67
CA ASP A 354 3.80 -11.15 -23.18
C ASP A 354 4.02 -10.92 -21.69
N ALA A 355 3.29 -9.99 -21.07
CA ALA A 355 3.40 -9.80 -19.62
C ALA A 355 2.50 -10.73 -18.83
N LYS A 356 1.62 -11.49 -19.46
CA LYS A 356 0.72 -12.45 -18.81
C LYS A 356 0.04 -11.79 -17.63
N SER A 357 -0.51 -10.63 -17.91
CA SER A 357 -0.96 -9.70 -16.91
C SER A 357 -2.44 -9.81 -16.61
N GLY A 358 -2.83 -9.91 -15.36
CA GLY A 358 -4.21 -10.08 -14.93
C GLY A 358 -4.67 -9.10 -13.87
N PRO A 359 -4.55 -7.80 -14.07
CA PRO A 359 -4.94 -6.88 -13.02
C PRO A 359 -6.40 -7.00 -12.65
N GLN A 360 -7.29 -7.24 -13.62
CA GLN A 360 -8.71 -7.33 -13.25
C GLN A 360 -9.01 -8.44 -12.26
N GLU A 361 -8.47 -9.61 -12.56
CA GLU A 361 -8.65 -10.79 -11.74
C GLU A 361 -7.93 -10.69 -10.41
N LEU A 362 -6.74 -10.09 -10.43
CA LEU A 362 -6.01 -9.83 -9.21
C LEU A 362 -6.79 -8.93 -8.25
N VAL A 363 -7.31 -7.82 -8.77
CA VAL A 363 -8.15 -6.93 -7.95
C VAL A 363 -9.37 -7.67 -7.42
N GLN A 364 -10.03 -8.46 -8.30
CA GLN A 364 -11.19 -9.23 -7.84
C GLN A 364 -10.81 -10.17 -6.69
N GLN A 365 -9.64 -10.83 -6.79
CA GLN A 365 -9.19 -11.74 -5.78
C GLN A 365 -8.95 -11.03 -4.45
N VAL A 366 -8.17 -9.93 -4.52
CA VAL A 366 -7.78 -9.27 -3.27
C VAL A 366 -8.99 -8.65 -2.57
N LEU A 367 -9.81 -7.92 -3.32
CA LEU A 367 -11.00 -7.35 -2.70
C LEU A 367 -11.90 -8.40 -2.14
N SER A 368 -12.12 -9.48 -2.91
CA SER A 368 -12.95 -10.57 -2.41
C SER A 368 -12.42 -11.17 -1.11
N GLY A 369 -11.10 -11.38 -1.05
CA GLY A 369 -10.53 -11.91 0.15
C GLY A 369 -10.72 -11.03 1.36
N GLY A 370 -10.60 -9.71 1.15
CA GLY A 370 -10.83 -8.79 2.26
C GLY A 370 -12.28 -8.85 2.71
N TRP A 371 -13.23 -8.86 1.79
CA TRP A 371 -14.63 -8.94 2.16
C TRP A 371 -14.93 -10.30 2.81
N ARG A 372 -14.30 -11.37 2.34
CA ARG A 372 -14.47 -12.71 2.94
C ARG A 372 -13.99 -12.75 4.38
N GLU A 373 -12.94 -11.99 4.70
CA GLU A 373 -12.37 -11.86 6.02
C GLU A 373 -13.01 -10.74 6.85
N ASP A 374 -14.04 -10.09 6.31
CA ASP A 374 -14.82 -9.04 6.99
C ASP A 374 -13.90 -7.88 7.41
N ILE A 375 -13.08 -7.44 6.49
CA ILE A 375 -12.32 -6.20 6.67
C ILE A 375 -12.68 -5.17 5.60
N ARG A 376 -12.32 -3.93 5.82
CA ARG A 376 -12.50 -2.86 4.85
C ARG A 376 -11.41 -2.93 3.81
N VAL A 377 -11.83 -2.68 2.56
CA VAL A 377 -10.86 -2.66 1.44
C VAL A 377 -11.02 -1.36 0.65
N ALA A 378 -9.90 -0.68 0.48
CA ALA A 378 -9.79 0.57 -0.27
C ALA A 378 -8.77 0.37 -1.38
N GLY A 379 -8.53 1.39 -2.20
CA GLY A 379 -7.56 1.18 -3.30
C GLY A 379 -7.22 2.45 -4.00
N GLU A 380 -6.26 2.34 -4.88
CA GLU A 380 -5.71 3.40 -5.70
C GLU A 380 -5.60 2.97 -7.14
N ASN A 381 -5.55 3.92 -8.08
CA ASN A 381 -5.09 3.60 -9.44
C ASN A 381 -3.59 3.41 -9.38
N ALA A 382 -3.07 2.44 -10.15
CA ALA A 382 -1.64 2.19 -10.19
C ALA A 382 -0.85 3.25 -10.94
N LEU A 383 -1.38 3.73 -12.07
CA LEU A 383 -0.71 4.65 -12.95
C LEU A 383 -1.57 5.86 -13.28
N PRO A 384 -0.93 6.97 -13.63
CA PRO A 384 -1.73 8.14 -14.00
C PRO A 384 -2.66 7.86 -15.16
N ARG A 385 -3.91 8.26 -14.98
CA ARG A 385 -4.96 8.12 -16.00
C ARG A 385 -5.95 9.29 -15.86
N TYR A 386 -6.41 9.82 -16.97
CA TYR A 386 -7.35 10.92 -17.03
C TYR A 386 -8.61 10.64 -17.83
N ASP A 387 -8.73 9.41 -18.34
CA ASP A 387 -9.71 9.05 -19.31
C ASP A 387 -10.87 8.33 -18.70
N ALA A 388 -12.01 8.40 -19.38
CA ALA A 388 -13.24 7.77 -18.97
C ALA A 388 -13.11 6.25 -18.80
N THR A 389 -12.33 5.59 -19.65
CA THR A 389 -12.20 4.12 -19.50
C THR A 389 -11.66 3.77 -18.13
N ALA A 390 -10.61 4.50 -17.77
CA ALA A 390 -9.98 4.33 -16.46
C ALA A 390 -10.98 4.53 -15.31
N TYR A 391 -11.68 5.68 -15.36
CA TYR A 391 -12.60 5.99 -14.26
C TYR A 391 -13.74 4.98 -14.15
N ASN A 392 -14.27 4.51 -15.32
CA ASN A 392 -15.34 3.51 -15.27
C ASN A 392 -14.85 2.19 -14.65
N GLN A 393 -13.59 1.84 -14.91
CA GLN A 393 -13.05 0.63 -14.28
C GLN A 393 -12.89 0.79 -12.77
N ILE A 394 -12.48 1.99 -12.35
CA ILE A 394 -12.39 2.24 -10.89
C ILE A 394 -13.76 2.14 -10.25
N ILE A 395 -14.78 2.77 -10.88
CA ILE A 395 -16.13 2.76 -10.35
C ILE A 395 -16.67 1.35 -10.30
N LEU A 396 -16.37 0.54 -11.32
CA LEU A 396 -16.75 -0.88 -11.29
C LEU A 396 -16.18 -1.58 -10.06
N ASN A 397 -14.88 -1.45 -9.88
CA ASN A 397 -14.24 -2.08 -8.71
C ASN A 397 -14.79 -1.56 -7.39
N ALA A 398 -15.19 -0.27 -7.38
CA ALA A 398 -15.70 0.35 -6.16
C ALA A 398 -17.00 -0.27 -5.72
N ARG A 399 -17.85 -0.68 -6.68
CA ARG A 399 -19.14 -1.32 -6.39
C ARG A 399 -19.36 -2.42 -7.43
N PRO A 400 -18.74 -3.58 -7.25
CA PRO A 400 -18.68 -4.56 -8.33
C PRO A 400 -20.00 -5.22 -8.68
N GLN A 401 -21.02 -5.11 -7.86
CA GLN A 401 -22.34 -5.58 -8.21
C GLN A 401 -23.30 -4.42 -8.38
N GLY A 402 -22.77 -3.21 -8.52
CA GLY A 402 -23.57 -2.02 -8.78
C GLY A 402 -24.20 -1.41 -7.57
N VAL A 403 -25.06 -0.43 -7.85
CA VAL A 403 -25.76 0.29 -6.79
C VAL A 403 -26.93 -0.58 -6.31
N ASN A 404 -27.20 -0.48 -5.03
CA ASN A 404 -28.40 -1.05 -4.40
C ASN A 404 -29.42 0.07 -4.24
N ASN A 405 -30.50 -0.10 -5.02
CA ASN A 405 -31.45 1.01 -4.93
C ASN A 405 -32.21 0.86 -3.61
N ASN A 406 -32.09 -0.30 -2.96
CA ASN A 406 -32.92 -0.49 -1.76
C ASN A 406 -32.17 -0.40 -0.46
N GLY A 407 -30.90 0.02 -0.50
CA GLY A 407 -30.15 0.04 0.74
C GLY A 407 -28.66 0.12 0.39
N PRO A 408 -27.81 -0.15 1.37
CA PRO A 408 -26.38 -0.16 1.10
C PRO A 408 -26.08 -1.27 0.13
N PRO A 409 -25.02 -1.13 -0.66
CA PRO A 409 -24.65 -2.25 -1.58
C PRO A 409 -24.13 -3.49 -0.88
N LYS A 410 -24.32 -4.77 -1.30
CA LYS A 410 -23.68 -5.88 -0.55
C LYS A 410 -22.18 -5.70 -0.63
N LEU A 411 -21.67 -5.23 -1.77
CA LEU A 411 -20.23 -5.05 -1.87
C LEU A 411 -19.86 -3.63 -2.24
N SER A 412 -18.95 -3.06 -1.45
CA SER A 412 -18.38 -1.77 -1.83
C SER A 412 -17.01 -1.62 -1.20
N MET A 413 -16.16 -0.96 -1.96
CA MET A 413 -14.92 -0.49 -1.38
C MET A 413 -15.15 0.61 -0.37
N PHE A 414 -14.24 0.76 0.57
CA PHE A 414 -14.35 1.78 1.64
C PHE A 414 -13.90 3.16 1.20
N GLY A 415 -13.17 3.23 0.11
CA GLY A 415 -12.69 4.47 -0.45
C GLY A 415 -11.71 4.22 -1.58
N VAL A 416 -11.48 5.24 -2.39
CA VAL A 416 -10.49 5.20 -3.46
C VAL A 416 -9.66 6.49 -3.40
N THR A 417 -8.36 6.32 -3.50
CA THR A 417 -7.42 7.42 -3.57
C THR A 417 -6.79 7.48 -4.94
N TYR A 418 -6.96 8.64 -5.58
CA TYR A 418 -6.54 8.92 -6.93
C TYR A 418 -5.12 9.49 -6.96
N LEU A 419 -4.26 8.83 -7.71
CA LEU A 419 -2.89 9.23 -7.98
C LEU A 419 -2.93 10.04 -9.26
N ARG A 420 -2.65 11.33 -9.32
CA ARG A 420 -2.26 12.25 -8.29
C ARG A 420 -2.68 13.67 -8.71
N LEU A 421 -2.82 14.55 -7.74
CA LEU A 421 -2.99 15.96 -8.06
C LEU A 421 -1.79 16.46 -8.88
N SER A 422 -2.07 17.09 -10.00
CA SER A 422 -1.13 17.69 -10.93
C SER A 422 -1.87 18.74 -11.76
N ASP A 423 -1.03 19.53 -12.45
CA ASP A 423 -1.64 20.57 -13.31
C ASP A 423 -2.53 19.93 -14.38
N ASP A 424 -2.08 18.74 -14.81
CA ASP A 424 -2.80 18.03 -15.86
C ASP A 424 -4.20 17.66 -15.46
N LEU A 425 -4.43 17.23 -14.25
CA LEU A 425 -5.68 16.85 -13.74
C LEU A 425 -6.66 18.02 -13.81
N LEU A 426 -6.08 19.23 -13.56
CA LEU A 426 -6.95 20.38 -13.40
C LEU A 426 -7.25 21.07 -14.71
N GLN A 427 -6.75 20.59 -15.84
CA GLN A 427 -7.12 21.20 -17.15
C GLN A 427 -8.57 20.94 -17.43
N LYS A 428 -9.19 21.83 -18.17
CA LYS A 428 -10.63 21.86 -18.32
C LYS A 428 -11.26 20.50 -18.58
N SER A 429 -10.87 19.83 -19.68
CA SER A 429 -11.49 18.55 -20.04
C SER A 429 -11.20 17.46 -19.02
N ASN A 430 -9.89 17.36 -18.71
CA ASN A 430 -9.55 16.31 -17.74
C ASN A 430 -10.35 16.50 -16.45
N PHE A 431 -10.41 17.74 -15.99
CA PHE A 431 -11.07 17.93 -14.67
C PHE A 431 -12.57 17.73 -14.77
N ASN A 432 -13.15 18.08 -15.94
CA ASN A 432 -14.54 17.80 -16.14
C ASN A 432 -14.88 16.31 -16.07
N ILE A 433 -14.00 15.48 -16.65
CA ILE A 433 -14.18 14.02 -16.58
C ILE A 433 -14.02 13.55 -15.15
N PHE A 434 -12.99 14.09 -14.48
CA PHE A 434 -12.78 13.75 -13.08
C PHE A 434 -13.95 14.10 -12.22
N LYS A 435 -14.58 15.25 -12.46
CA LYS A 435 -15.78 15.59 -11.70
C LYS A 435 -16.90 14.57 -11.90
N LYS A 436 -17.00 14.04 -13.12
CA LYS A 436 -18.03 12.99 -13.36
C LYS A 436 -17.69 11.72 -12.60
N PHE A 437 -16.39 11.37 -12.58
CA PHE A 437 -15.95 10.25 -11.76
C PHE A 437 -16.35 10.43 -10.30
N VAL A 438 -16.11 11.62 -9.74
CA VAL A 438 -16.45 11.82 -8.33
C VAL A 438 -17.94 11.66 -8.13
N LEU A 439 -18.73 12.27 -9.05
CA LEU A 439 -20.18 12.16 -8.92
C LEU A 439 -20.65 10.70 -8.91
N LYS A 440 -20.11 9.87 -9.84
CA LYS A 440 -20.52 8.48 -9.89
C LYS A 440 -20.03 7.64 -8.72
N MET A 441 -18.80 7.94 -8.26
CA MET A 441 -18.36 7.31 -7.01
C MET A 441 -19.32 7.63 -5.87
N HIS A 442 -19.82 8.86 -5.89
CA HIS A 442 -20.80 9.30 -4.91
C HIS A 442 -22.22 8.87 -5.24
N ALA A 443 -22.41 7.95 -6.18
CA ALA A 443 -23.72 7.37 -6.47
C ALA A 443 -24.69 8.47 -6.88
N ASP A 444 -24.25 9.45 -7.65
CA ASP A 444 -25.01 10.55 -8.20
C ASP A 444 -25.42 11.58 -7.14
N GLN A 445 -24.97 11.42 -5.91
CA GLN A 445 -25.29 12.36 -4.87
C GLN A 445 -24.27 13.48 -4.79
N ASP A 446 -24.70 14.61 -4.30
CA ASP A 446 -23.79 15.73 -4.03
C ASP A 446 -22.77 15.32 -2.96
N TYR A 447 -21.65 15.97 -2.91
CA TYR A 447 -20.65 15.76 -1.88
C TYR A 447 -21.34 15.82 -0.50
N CYS A 448 -21.02 14.87 0.38
CA CYS A 448 -21.56 14.68 1.71
C CYS A 448 -20.47 14.88 2.76
N ALA A 449 -20.51 16.04 3.40
CA ALA A 449 -19.47 16.46 4.35
C ALA A 449 -19.43 15.58 5.59
N ASN A 450 -20.56 15.08 6.07
CA ASN A 450 -20.65 14.27 7.26
C ASN A 450 -20.64 12.77 6.89
N PRO A 451 -19.51 12.10 7.07
CA PRO A 451 -19.45 10.69 6.64
C PRO A 451 -20.36 9.77 7.45
N GLN A 452 -20.85 10.23 8.60
CA GLN A 452 -21.83 9.44 9.32
C GLN A 452 -23.04 9.14 8.46
N LYS A 453 -23.40 10.08 7.55
CA LYS A 453 -24.59 9.95 6.71
C LYS A 453 -24.48 8.75 5.79
N TYR A 454 -23.27 8.36 5.34
CA TYR A 454 -23.10 7.21 4.45
C TYR A 454 -22.45 6.07 5.22
N ASN A 455 -22.62 6.03 6.53
CA ASN A 455 -22.19 4.94 7.38
C ASN A 455 -20.67 4.77 7.35
N HIS A 456 -19.99 5.90 7.40
CA HIS A 456 -18.55 5.95 7.60
C HIS A 456 -18.19 6.83 8.80
N ALA A 457 -18.90 6.62 9.87
CA ALA A 457 -18.55 7.29 11.12
C ALA A 457 -17.20 6.86 11.65
N ILE A 458 -16.40 7.72 12.29
CA ILE A 458 -15.13 7.22 12.82
C ILE A 458 -15.27 7.40 14.35
N THR A 459 -14.88 6.35 15.02
CA THR A 459 -14.93 6.15 16.43
C THR A 459 -13.51 6.00 16.91
N PRO A 460 -13.31 6.16 18.21
CA PRO A 460 -11.94 6.05 18.73
C PRO A 460 -11.37 4.67 18.42
N LEU A 461 -10.12 4.71 17.99
CA LEU A 461 -9.38 3.48 17.74
C LEU A 461 -9.24 2.64 19.00
N LYS A 462 -9.70 1.41 18.88
CA LYS A 462 -9.66 0.47 19.98
C LYS A 462 -8.37 -0.33 19.99
N PRO A 463 -8.06 -0.96 21.13
CA PRO A 463 -6.94 -1.88 21.11
C PRO A 463 -7.03 -2.98 20.06
N SER A 464 -5.89 -3.38 19.51
CA SER A 464 -5.95 -4.52 18.60
C SER A 464 -6.41 -5.74 19.37
N ALA A 465 -7.11 -6.59 18.67
CA ALA A 465 -7.52 -7.89 19.22
C ALA A 465 -6.31 -8.82 19.40
N PRO A 466 -6.43 -9.91 20.15
CA PRO A 466 -5.27 -10.78 20.38
C PRO A 466 -4.58 -11.29 19.13
N LYS A 467 -3.27 -11.49 19.32
CA LYS A 467 -2.49 -12.02 18.23
C LYS A 467 -3.07 -13.34 17.71
N ILE A 468 -3.01 -13.47 16.39
CA ILE A 468 -3.39 -14.65 15.65
C ILE A 468 -2.14 -15.40 15.25
N PRO A 469 -1.97 -16.66 15.64
CA PRO A 469 -0.79 -17.42 15.28
C PRO A 469 -0.67 -17.62 13.77
N ILE A 470 0.55 -17.79 13.34
CA ILE A 470 0.80 -17.92 11.91
C ILE A 470 0.02 -19.06 11.26
N GLU A 471 -0.14 -20.18 11.94
CA GLU A 471 -0.87 -21.26 11.32
C GLU A 471 -2.32 -20.85 11.03
N VAL A 472 -2.95 -20.06 11.89
CA VAL A 472 -4.33 -19.62 11.68
C VAL A 472 -4.33 -18.59 10.56
N LEU A 473 -3.35 -17.69 10.50
CA LEU A 473 -3.26 -16.78 9.37
C LEU A 473 -3.19 -17.59 8.07
N LEU A 474 -2.39 -18.65 8.04
CA LEU A 474 -2.20 -19.41 6.79
C LEU A 474 -3.35 -20.33 6.47
N GLU A 475 -4.30 -20.53 7.37
CA GLU A 475 -5.54 -21.20 6.97
C GLU A 475 -6.22 -20.42 5.84
N ALA A 476 -6.04 -19.10 5.80
CA ALA A 476 -6.63 -18.25 4.76
C ALA A 476 -5.98 -18.45 3.41
N THR A 477 -4.95 -19.26 3.29
CA THR A 477 -4.40 -19.64 1.98
C THR A 477 -5.35 -20.56 1.22
N LYS A 478 -6.33 -21.12 1.92
CA LYS A 478 -7.31 -21.97 1.21
C LYS A 478 -7.97 -21.20 0.06
N PRO A 479 -7.86 -21.67 -1.17
CA PRO A 479 -8.54 -20.96 -2.26
C PRO A 479 -10.04 -20.82 -2.05
N THR A 480 -10.57 -19.69 -2.45
CA THR A 480 -11.99 -19.40 -2.39
C THR A 480 -12.41 -18.82 -3.72
N LEU A 481 -13.70 -18.99 -4.04
CA LEU A 481 -14.25 -18.35 -5.23
C LEU A 481 -14.37 -16.86 -4.97
N PRO A 482 -14.01 -16.04 -5.95
CA PRO A 482 -14.21 -14.60 -5.78
C PRO A 482 -15.69 -14.26 -5.83
N PHE A 483 -16.08 -13.08 -5.32
CA PHE A 483 -17.42 -12.62 -5.54
C PHE A 483 -17.57 -12.30 -7.02
N PRO A 484 -18.73 -12.58 -7.59
CA PRO A 484 -18.96 -12.21 -8.98
C PRO A 484 -18.94 -10.69 -9.21
N TRP A 485 -18.34 -10.33 -10.33
CA TRP A 485 -18.22 -8.96 -10.78
C TRP A 485 -19.11 -8.71 -11.98
N LEU A 486 -19.74 -7.56 -12.02
CA LEU A 486 -20.37 -7.10 -13.25
C LEU A 486 -19.34 -6.89 -14.35
N PRO A 487 -19.74 -7.02 -15.63
CA PRO A 487 -18.80 -6.77 -16.72
C PRO A 487 -18.49 -5.30 -16.99
N GLU A 488 -19.37 -4.42 -16.53
CA GLU A 488 -19.30 -3.00 -16.60
C GLU A 488 -20.11 -2.42 -15.46
N THR A 489 -19.68 -1.20 -15.06
CA THR A 489 -20.48 -0.54 -14.02
C THR A 489 -21.84 -0.08 -14.56
N ASP A 490 -22.75 0.05 -13.61
CA ASP A 490 -24.05 0.64 -13.81
C ASP A 490 -23.98 2.17 -13.60
N MET A 491 -22.85 2.72 -13.22
CA MET A 491 -22.74 4.16 -13.03
C MET A 491 -21.58 4.73 -13.83
N LYS A 492 -21.64 4.62 -15.15
CA LYS A 492 -20.58 5.11 -15.99
C LYS A 492 -20.48 6.65 -16.05
N VAL A 493 -19.28 7.20 -16.29
CA VAL A 493 -19.11 8.63 -16.21
C VAL A 493 -19.93 9.35 -17.27
N ASP A 494 -20.10 8.70 -18.41
CA ASP A 494 -20.98 9.15 -19.52
C ASP A 494 -20.28 10.09 -20.49
N GLY A 495 -18.96 9.87 -20.64
CA GLY A 495 -18.14 10.75 -21.45
C GLY A 495 -17.09 10.00 -22.27
C1 GLC B . 4.07 -1.16 -14.74
C2 GLC B . 2.82 -1.84 -14.18
C3 GLC B . 2.40 -1.03 -12.99
C4 GLC B . 3.59 -1.20 -12.02
C5 GLC B . 4.76 -0.38 -12.57
C6 GLC B . 6.01 -0.45 -11.69
O1 GLC B . 3.88 0.08 -15.33
O2 GLC B . 1.78 -1.77 -15.22
O3 GLC B . 1.28 -1.72 -12.47
O4 GLC B . 3.23 -0.65 -10.73
O5 GLC B . 5.14 -1.03 -13.82
O6 GLC B . 7.08 0.43 -12.07
C1 GLC B . 3.49 -1.55 -9.65
C2 GLC B . 2.17 -1.88 -8.94
C3 GLC B . 1.66 -0.72 -8.07
C4 GLC B . 2.79 -0.20 -7.18
C5 GLC B . 3.88 0.36 -8.20
C6 GLC B . 5.09 0.70 -7.25
O2 GLC B . 1.14 -2.10 -9.93
O3 GLC B . 0.59 -1.19 -7.22
O4 GLC B . 2.32 0.93 -6.42
O5 GLC B . 4.38 -0.89 -8.74
O6 GLC B . 5.17 -0.27 -6.18
C1 GLC B . 1.08 2.20 -6.48
C2 GLC B . 1.55 3.34 -7.41
C3 GLC B . 2.85 3.85 -6.84
C4 GLC B . 2.56 4.43 -5.44
C5 GLC B . 2.19 3.25 -4.55
C6 GLC B . 1.78 3.59 -3.13
O1 GLC B . -0.25 1.88 -6.77
O1 GLC B . 2.10 1.23 -6.29
O2 GLC B . 1.91 2.59 -8.63
O3 GLC B . 3.27 4.92 -7.70
O4 GLC B . 3.76 4.95 -4.84
O5 GLC B . 0.96 2.71 -5.11
O6 GLC B . 0.77 4.62 -3.07
C1 GLC B . 4.04 6.34 -5.07
C2 GLC B . 5.45 6.68 -4.52
C3 GLC B . 5.55 6.34 -3.03
C4 GLC B . 4.57 7.28 -2.32
C5 GLC B . 3.13 6.97 -2.87
C6 GLC B . 2.06 7.91 -2.29
O2 GLC B . 6.45 5.91 -5.25
O3 GLC B . 6.89 6.70 -2.60
O4 GLC B . 4.61 6.89 -0.93
O5 GLC B . 3.12 7.17 -4.31
O6 GLC B . 2.38 9.29 -2.60
C1 GLC C . 4.55 -1.00 -14.35
C2 GLC C . 3.16 -1.57 -14.21
C3 GLC C . 2.43 -0.77 -13.11
C4 GLC C . 3.41 -0.26 -12.12
C5 GLC C . 4.62 0.57 -12.43
C6 GLC C . 6.27 -0.27 -10.86
O1 GLC C . 4.61 0.06 -15.17
O2 GLC C . 2.44 -1.32 -15.42
O3 GLC C . 1.56 -1.70 -12.49
O4 GLC C . 2.80 0.19 -10.91
O5 GLC C . 5.49 -1.13 -13.32
O6 GLC C . 7.24 0.14 -11.79
S SO4 D . -12.24 -20.12 5.56
O1 SO4 D . -11.12 -20.78 4.94
O2 SO4 D . -12.80 -20.85 6.75
O3 SO4 D . -13.35 -20.04 4.58
O4 SO4 D . -11.87 -18.79 6.07
S SO4 E . 29.01 -5.04 0.60
O1 SO4 E . 28.97 -6.21 -0.27
O2 SO4 E . 27.88 -4.11 0.22
O3 SO4 E . 30.30 -4.33 0.37
O4 SO4 E . 28.86 -5.46 2.00
S SO4 F . 17.55 -32.81 12.39
O1 SO4 F . 18.30 -32.53 11.18
O2 SO4 F . 17.38 -34.30 12.50
O3 SO4 F . 16.19 -32.21 12.45
O4 SO4 F . 18.31 -32.35 13.55
S SO4 G . -11.81 -4.88 -22.96
O1 SO4 G . -11.23 -5.31 -24.22
O2 SO4 G . -13.15 -4.26 -23.16
O3 SO4 G . -10.94 -4.03 -22.14
O4 SO4 G . -12.04 -6.17 -22.24
S SO4 H . -15.44 -21.27 -1.43
O1 SO4 H . -16.80 -21.75 -1.75
O2 SO4 H . -14.41 -22.01 -2.19
O3 SO4 H . -15.21 -21.51 0.04
O4 SO4 H . -15.36 -19.85 -1.78
S SO4 I . 10.83 -32.71 -4.08
O1 SO4 I . 9.88 -31.95 -3.29
O2 SO4 I . 10.95 -34.11 -3.59
O3 SO4 I . 12.20 -32.09 -3.81
O4 SO4 I . 10.60 -32.66 -5.54
#